data_5L2J
#
_entry.id   5L2J
#
_cell.length_a   57.660
_cell.length_b   78.110
_cell.length_c   91.330
_cell.angle_alpha   90.00
_cell.angle_beta   90.00
_cell.angle_gamma   90.00
#
_symmetry.space_group_name_H-M   'P 21 21 21'
#
loop_
_entity.id
_entity.type
_entity.pdbx_description
1 polymer 'T-cell surface glycoprotein CD1b'
2 polymer Beta-2-microglobulin
3 branched alpha-D-mannopyranose-(1-3)-[alpha-D-mannopyranose-(1-6)]beta-D-mannopyranose-(1-4)-2-acetamido-2-deoxy-beta-D-glucopyranose-(1-4)-[alpha-L-fucopyranose-(1-3)][alpha-L-fucopyranose-(1-6)]2-acetamido-2-deoxy-beta-D-glucopyranose
4 non-polymer 'TETRACOSYL PALMITATE'
5 non-polymer 2-acetamido-2-deoxy-beta-D-glucopyranose
6 non-polymer 'ACETATE ION'
7 non-polymer 'CHLORIDE ION'
8 non-polymer 6-O-[(2R,3R)-3-hydroxy-2-tetradecyldocosanoyl]-alpha-L-idopyranose
9 non-polymer 'SODIUM ION'
10 water water
#
loop_
_entity_poly.entity_id
_entity_poly.type
_entity_poly.pdbx_seq_one_letter_code
_entity_poly.pdbx_strand_id
1 'polypeptide(L)'
;HAFQGPTSFHVIQTSSFTNSTWAQTQGSGWLDDLQIHGWDSDSGTAIFLKPWSKGNFSDKEVAELEEIFRVYIFGFAREV
QDFAGDFQMKYPFEIQGIAGCELHSGGAIVSFLRGALGGLDFLSVKNASCVPSPEGGSRAQKFCALIIQYQGIMETVRIL
LYETCPRYLLGVLNAGKADLQRQVKPEAWLSSGPSPGPGRLQLVCHVSGFYPKPVWVMWMRGEQEQQGTQLGDILPNANW
TWYLRATLDVADGEAAGLSCRVKHSSLEGQDIILYWRGSGLNDIFEAQKIEWHEHHHHHH
;
A
2 'polypeptide(L)'
;IQRTPKIQVYSRHPAENGKSNFLNCYVSGFHPSDIEVDLLKNGERIEKVEHSDLSFSKDWSFYLLYYTEFTPTEKDEYAC
RVNHVTLSQPKIVKWDRD
;
B
#
loop_
_chem_comp.id
_chem_comp.type
_chem_comp.name
_chem_comp.formula
6UL non-polymer 'TETRACOSYL PALMITATE' 'C40 H80 O2'
70E non-polymer 6-O-[(2R,3R)-3-hydroxy-2-tetradecyldocosanoyl]-alpha-L-idopyranose 'C42 H82 O8'
ACT non-polymer 'ACETATE ION' 'C2 H3 O2 -1'
BMA D-saccharide, beta linking beta-D-mannopyranose 'C6 H12 O6'
CL non-polymer 'CHLORIDE ION' 'Cl -1'
FUC L-saccharide, alpha linking alpha-L-fucopyranose 'C6 H12 O5'
MAN D-saccharide, alpha linking alpha-D-mannopyranose 'C6 H12 O6'
NA non-polymer 'SODIUM ION' 'Na 1'
NAG D-saccharide, beta linking 2-acetamido-2-deoxy-beta-D-glucopyranose 'C8 H15 N O6'
#
# COMPACT_ATOMS: atom_id res chain seq x y z
N PHE A 3 -6.99 14.97 -15.87
CA PHE A 3 -7.78 14.46 -14.75
C PHE A 3 -6.87 14.08 -13.58
N GLN A 4 -7.43 14.10 -12.36
CA GLN A 4 -6.67 13.78 -11.16
C GLN A 4 -7.06 12.41 -10.64
N GLY A 5 -6.35 11.97 -9.60
CA GLY A 5 -6.60 10.67 -9.00
C GLY A 5 -5.87 9.55 -9.71
N PRO A 6 -6.18 8.29 -9.33
CA PRO A 6 -5.50 7.13 -9.92
C PRO A 6 -5.55 7.04 -11.45
N THR A 7 -4.50 6.44 -12.00
CA THR A 7 -4.36 6.25 -13.43
C THR A 7 -4.09 4.79 -13.81
N SER A 8 -4.10 3.87 -12.84
CA SER A 8 -3.74 2.47 -13.14
C SER A 8 -4.64 1.51 -12.42
N PHE A 9 -4.79 0.29 -12.98
CA PHE A 9 -5.51 -0.76 -12.30
C PHE A 9 -4.56 -1.92 -12.19
N HIS A 10 -4.55 -2.60 -11.07
CA HIS A 10 -3.78 -3.85 -11.01
C HIS A 10 -4.43 -4.84 -10.10
N VAL A 11 -4.16 -6.10 -10.40
CA VAL A 11 -4.55 -7.22 -9.53
C VAL A 11 -3.27 -7.74 -8.88
N ILE A 12 -3.37 -8.16 -7.63
CA ILE A 12 -2.21 -8.77 -6.97
C ILE A 12 -2.57 -10.15 -6.46
N GLN A 13 -1.53 -10.97 -6.31
CA GLN A 13 -1.64 -12.34 -5.80
C GLN A 13 -0.54 -12.54 -4.80
N THR A 14 -0.85 -13.17 -3.65
CA THR A 14 0.18 -13.63 -2.69
C THR A 14 -0.19 -15.09 -2.43
N SER A 15 0.69 -16.03 -2.82
CA SER A 15 0.39 -17.46 -2.65
C SER A 15 1.43 -17.96 -1.68
N SER A 16 0.97 -18.51 -0.53
CA SER A 16 1.88 -18.93 0.54
C SER A 16 1.88 -20.46 0.58
N PHE A 17 3.05 -21.05 0.37
CA PHE A 17 3.21 -22.52 0.31
C PHE A 17 3.84 -22.97 1.62
N THR A 18 3.04 -23.66 2.45
CA THR A 18 3.47 -24.13 3.81
C THR A 18 4.25 -25.42 3.70
N ASN A 19 3.75 -26.33 2.85
CA ASN A 19 4.40 -27.62 2.57
C ASN A 19 3.87 -28.13 1.23
N SER A 20 4.29 -29.33 0.83
CA SER A 20 3.94 -29.93 -0.47
C SER A 20 2.45 -30.14 -0.72
N THR A 21 1.63 -30.12 0.33
CA THR A 21 0.17 -30.33 0.23
C THR A 21 -0.67 -29.14 0.72
N TRP A 22 -0.05 -28.04 1.14
CA TRP A 22 -0.86 -26.95 1.67
C TRP A 22 -0.39 -25.59 1.21
N ALA A 23 -1.24 -24.91 0.43
CA ALA A 23 -0.98 -23.58 -0.10
C ALA A 23 -2.22 -22.76 0.00
N GLN A 24 -2.08 -21.43 0.22
CA GLN A 24 -3.25 -20.54 0.36
C GLN A 24 -2.96 -19.29 -0.43
N THR A 25 -3.95 -18.78 -1.15
CA THR A 25 -3.74 -17.59 -1.98
C THR A 25 -4.64 -16.45 -1.50
N GLN A 26 -4.10 -15.22 -1.51
CA GLN A 26 -4.82 -13.98 -1.20
C GLN A 26 -4.74 -13.13 -2.46
N GLY A 27 -5.81 -12.44 -2.78
CA GLY A 27 -5.82 -11.62 -3.99
C GLY A 27 -6.70 -10.40 -3.84
N SER A 28 -6.46 -9.39 -4.68
CA SER A 28 -7.24 -8.15 -4.60
C SER A 28 -6.99 -7.32 -5.85
N GLY A 29 -7.86 -6.34 -6.08
CA GLY A 29 -7.82 -5.43 -7.23
C GLY A 29 -7.76 -4.00 -6.73
N TRP A 30 -6.90 -3.17 -7.39
CA TRP A 30 -6.60 -1.83 -6.89
C TRP A 30 -6.52 -0.82 -8.00
N LEU A 31 -6.92 0.41 -7.67
CA LEU A 31 -6.67 1.60 -8.54
C LEU A 31 -5.57 2.35 -7.84
N ASP A 32 -4.34 2.28 -8.38
CA ASP A 32 -3.15 2.80 -7.68
C ASP A 32 -3.15 2.17 -6.25
N ASP A 33 -3.20 2.96 -5.16
CA ASP A 33 -3.16 2.36 -3.80
C ASP A 33 -4.52 2.09 -3.18
N LEU A 34 -5.61 2.32 -3.95
CA LEU A 34 -6.99 2.24 -3.46
C LEU A 34 -7.60 0.89 -3.79
N GLN A 35 -8.06 0.16 -2.78
CA GLN A 35 -8.61 -1.15 -3.08
C GLN A 35 -10.03 -1.05 -3.63
N ILE A 36 -10.31 -1.75 -4.76
CA ILE A 36 -11.67 -1.77 -5.33
C ILE A 36 -12.26 -3.19 -5.39
N HIS A 37 -11.40 -4.23 -5.33
CA HIS A 37 -11.87 -5.63 -5.34
C HIS A 37 -11.14 -6.41 -4.27
N GLY A 38 -11.90 -7.32 -3.69
CA GLY A 38 -11.35 -8.33 -2.82
C GLY A 38 -11.51 -9.69 -3.49
N TRP A 39 -10.71 -10.66 -3.12
CA TRP A 39 -10.89 -12.03 -3.61
C TRP A 39 -11.32 -12.84 -2.38
N ASP A 40 -12.48 -13.49 -2.48
CA ASP A 40 -13.03 -14.28 -1.38
C ASP A 40 -12.66 -15.74 -1.60
N SER A 41 -11.66 -16.23 -0.83
CA SER A 41 -11.24 -17.62 -0.91
C SER A 41 -12.37 -18.58 -0.45
N ASP A 42 -13.34 -18.10 0.39
CA ASP A 42 -14.45 -18.97 0.85
C ASP A 42 -15.35 -19.36 -0.30
N SER A 43 -15.51 -18.46 -1.30
CA SER A 43 -16.42 -18.64 -2.42
C SER A 43 -15.80 -18.81 -3.79
N GLY A 44 -14.54 -18.43 -3.92
CA GLY A 44 -13.90 -18.44 -5.24
C GLY A 44 -14.48 -17.36 -6.14
N THR A 45 -14.87 -16.21 -5.56
CA THR A 45 -15.42 -15.10 -6.34
C THR A 45 -14.86 -13.77 -5.83
N ALA A 46 -15.09 -12.71 -6.59
CA ALA A 46 -14.61 -11.40 -6.19
C ALA A 46 -15.64 -10.69 -5.33
N ILE A 47 -15.14 -9.80 -4.45
CA ILE A 47 -15.94 -8.93 -3.60
C ILE A 47 -15.75 -7.55 -4.27
N PHE A 48 -16.86 -6.89 -4.60
CA PHE A 48 -16.85 -5.59 -5.26
C PHE A 48 -17.04 -4.56 -4.16
N LEU A 49 -15.97 -3.79 -3.89
CA LEU A 49 -15.95 -2.87 -2.75
C LEU A 49 -16.67 -1.53 -2.94
N LYS A 50 -16.87 -1.13 -4.20
CA LYS A 50 -17.54 0.10 -4.55
C LYS A 50 -18.68 -0.23 -5.50
N PRO A 51 -19.77 0.58 -5.51
CA PRO A 51 -20.89 0.28 -6.44
C PRO A 51 -20.50 0.26 -7.91
N TRP A 52 -19.41 0.99 -8.22
CA TRP A 52 -18.89 1.19 -9.55
C TRP A 52 -17.69 0.30 -9.90
N SER A 53 -17.29 -0.64 -9.01
CA SER A 53 -16.14 -1.55 -9.18
CA SER A 53 -16.09 -1.44 -9.27
C SER A 53 -16.17 -2.42 -10.45
N LYS A 54 -17.38 -2.63 -11.05
CA LYS A 54 -17.40 -3.46 -12.25
C LYS A 54 -17.12 -2.61 -13.51
N GLY A 55 -16.96 -1.29 -13.34
CA GLY A 55 -16.73 -0.38 -14.45
C GLY A 55 -17.86 -0.47 -15.47
N ASN A 56 -17.51 -0.61 -16.75
CA ASN A 56 -18.55 -0.74 -17.79
C ASN A 56 -18.74 -2.20 -18.24
N PHE A 57 -18.22 -3.16 -17.46
CA PHE A 57 -18.30 -4.58 -17.79
C PHE A 57 -19.66 -5.16 -17.47
N SER A 58 -20.13 -6.08 -18.33
CA SER A 58 -21.39 -6.76 -18.11
C SER A 58 -21.24 -7.77 -16.99
N ASP A 59 -22.37 -8.20 -16.37
CA ASP A 59 -22.31 -9.24 -15.36
C ASP A 59 -21.71 -10.54 -15.92
N LYS A 60 -22.03 -10.90 -17.18
N LYS A 60 -22.02 -10.88 -17.20
CA LYS A 60 -21.48 -12.11 -17.81
CA LYS A 60 -21.52 -12.07 -17.88
C LYS A 60 -19.95 -12.04 -17.94
C LYS A 60 -19.98 -12.04 -17.99
N GLU A 61 -19.41 -10.89 -18.39
CA GLU A 61 -17.95 -10.74 -18.54
C GLU A 61 -17.26 -10.80 -17.17
N VAL A 62 -17.86 -10.17 -16.16
CA VAL A 62 -17.35 -10.18 -14.80
C VAL A 62 -17.31 -11.63 -14.30
N ALA A 63 -18.39 -12.41 -14.48
CA ALA A 63 -18.39 -13.81 -14.08
C ALA A 63 -17.35 -14.67 -14.83
N GLU A 64 -17.12 -14.40 -16.14
CA GLU A 64 -16.13 -15.16 -16.93
C GLU A 64 -14.72 -14.91 -16.39
N LEU A 65 -14.44 -13.65 -16.01
CA LEU A 65 -13.17 -13.26 -15.43
C LEU A 65 -12.95 -13.88 -14.05
N GLU A 66 -14.01 -13.91 -13.23
CA GLU A 66 -13.90 -14.55 -11.93
C GLU A 66 -13.60 -16.03 -12.12
N GLU A 67 -14.26 -16.67 -13.12
CA GLU A 67 -14.01 -18.08 -13.45
C GLU A 67 -12.55 -18.29 -13.87
N ILE A 68 -12.01 -17.41 -14.72
CA ILE A 68 -10.60 -17.49 -15.10
C ILE A 68 -9.71 -17.42 -13.85
N PHE A 69 -9.94 -16.44 -12.96
CA PHE A 69 -9.08 -16.34 -11.76
C PHE A 69 -9.20 -17.56 -10.85
N ARG A 70 -10.42 -18.08 -10.69
CA ARG A 70 -10.68 -19.25 -9.85
CA ARG A 70 -10.64 -19.24 -9.82
C ARG A 70 -9.88 -20.47 -10.37
N VAL A 71 -9.93 -20.69 -11.70
CA VAL A 71 -9.23 -21.77 -12.36
C VAL A 71 -7.71 -21.57 -12.26
N TYR A 72 -7.27 -20.33 -12.42
CA TYR A 72 -5.85 -20.00 -12.34
C TYR A 72 -5.30 -20.28 -10.95
N ILE A 73 -5.98 -19.82 -9.90
CA ILE A 73 -5.49 -19.96 -8.53
C ILE A 73 -5.33 -21.45 -8.18
N PHE A 74 -6.29 -22.27 -8.64
CA PHE A 74 -6.26 -23.69 -8.37
C PHE A 74 -5.14 -24.35 -9.14
N GLY A 75 -5.05 -24.06 -10.45
CA GLY A 75 -4.06 -24.63 -11.35
C GLY A 75 -2.64 -24.21 -10.98
N PHE A 76 -2.46 -22.92 -10.61
CA PHE A 76 -1.16 -22.39 -10.22
C PHE A 76 -0.57 -23.15 -9.02
N ALA A 77 -1.33 -23.31 -7.95
CA ALA A 77 -0.86 -24.02 -6.74
C ALA A 77 -0.38 -25.46 -7.08
N ARG A 78 -1.14 -26.16 -7.92
CA ARG A 78 -0.82 -27.53 -8.36
C ARG A 78 0.49 -27.57 -9.17
N GLU A 79 0.66 -26.63 -10.12
CA GLU A 79 1.88 -26.51 -10.93
C GLU A 79 3.14 -26.20 -10.10
N VAL A 80 3.02 -25.29 -9.12
CA VAL A 80 4.14 -24.89 -8.27
C VAL A 80 4.58 -26.03 -7.41
N GLN A 81 3.62 -26.76 -6.79
CA GLN A 81 3.91 -27.91 -5.92
CA GLN A 81 3.92 -27.90 -5.92
C GLN A 81 4.70 -28.96 -6.73
N ASP A 82 4.38 -29.10 -8.04
CA ASP A 82 5.07 -30.04 -8.95
C ASP A 82 6.50 -29.56 -9.27
N PHE A 83 6.66 -28.28 -9.62
CA PHE A 83 7.95 -27.64 -9.89
C PHE A 83 8.86 -27.67 -8.64
N ALA A 84 8.29 -27.33 -7.45
CA ALA A 84 9.03 -27.29 -6.19
C ALA A 84 9.69 -28.64 -5.88
N GLY A 85 8.96 -29.71 -6.17
CA GLY A 85 9.43 -31.09 -5.99
C GLY A 85 10.55 -31.43 -6.95
N ASP A 86 10.37 -31.09 -8.25
CA ASP A 86 11.36 -31.34 -9.30
C ASP A 86 12.63 -30.54 -9.09
N PHE A 87 12.52 -29.36 -8.47
CA PHE A 87 13.65 -28.47 -8.25
C PHE A 87 14.09 -28.36 -6.78
N GLN A 88 15.00 -27.43 -6.49
CA GLN A 88 15.55 -27.27 -5.15
C GLN A 88 14.79 -26.21 -4.37
N MET A 89 13.49 -26.47 -4.11
CA MET A 89 12.67 -25.52 -3.38
C MET A 89 12.31 -26.01 -1.99
N LYS A 90 12.72 -25.23 -0.99
CA LYS A 90 12.50 -25.52 0.41
C LYS A 90 11.26 -24.79 0.91
N TYR A 91 10.42 -25.49 1.66
CA TYR A 91 9.23 -24.92 2.27
C TYR A 91 9.57 -24.30 3.63
N PRO A 92 8.87 -23.24 4.04
CA PRO A 92 7.78 -22.54 3.31
C PRO A 92 8.36 -21.52 2.35
N PHE A 93 7.57 -21.13 1.38
CA PHE A 93 7.96 -20.05 0.47
C PHE A 93 6.73 -19.34 0.01
N GLU A 94 6.93 -18.13 -0.51
CA GLU A 94 5.82 -17.30 -0.91
C GLU A 94 6.10 -16.79 -2.28
N ILE A 95 5.07 -16.78 -3.11
CA ILE A 95 5.14 -16.23 -4.46
C ILE A 95 4.19 -15.01 -4.49
N GLN A 96 4.59 -13.94 -5.17
CA GLN A 96 3.74 -12.77 -5.36
C GLN A 96 3.64 -12.49 -6.87
N GLY A 97 2.53 -11.91 -7.29
CA GLY A 97 2.35 -11.48 -8.66
C GLY A 97 1.56 -10.17 -8.72
N ILE A 98 1.83 -9.37 -9.76
CA ILE A 98 1.09 -8.14 -9.94
C ILE A 98 0.87 -7.99 -11.43
N ALA A 99 -0.32 -7.67 -11.86
CA ALA A 99 -0.58 -7.49 -13.29
C ALA A 99 -1.62 -6.42 -13.51
N GLY A 100 -1.46 -5.64 -14.55
CA GLY A 100 -2.46 -4.59 -14.78
C GLY A 100 -2.04 -3.65 -15.88
N CYS A 101 -2.59 -2.44 -15.86
CA CYS A 101 -2.27 -1.47 -16.91
C CYS A 101 -2.40 -0.07 -16.38
N GLU A 102 -1.79 0.89 -17.06
CA GLU A 102 -1.81 2.28 -16.59
CA GLU A 102 -1.83 2.28 -16.60
C GLU A 102 -1.98 3.23 -17.75
N LEU A 103 -2.74 4.31 -17.54
CA LEU A 103 -2.98 5.35 -18.54
C LEU A 103 -1.94 6.46 -18.35
N HIS A 104 -1.11 6.70 -19.39
CA HIS A 104 -0.06 7.72 -19.33
C HIS A 104 -0.49 9.02 -20.00
N SER A 105 0.27 10.12 -19.73
CA SER A 105 0.04 11.42 -20.39
CA SER A 105 0.02 11.42 -20.40
C SER A 105 0.20 11.18 -21.90
N GLY A 106 -0.72 11.71 -22.69
CA GLY A 106 -0.65 11.45 -24.12
C GLY A 106 -1.64 10.38 -24.51
N GLY A 107 -2.18 9.67 -23.49
CA GLY A 107 -3.24 8.70 -23.70
C GLY A 107 -2.89 7.23 -23.85
N ALA A 108 -1.60 6.88 -24.03
CA ALA A 108 -1.21 5.47 -24.21
C ALA A 108 -1.51 4.67 -22.94
N ILE A 109 -1.94 3.42 -23.10
CA ILE A 109 -2.14 2.54 -21.92
C ILE A 109 -1.07 1.46 -22.05
N VAL A 110 -0.28 1.30 -20.99
CA VAL A 110 0.84 0.35 -20.94
C VAL A 110 0.47 -0.74 -19.94
N SER A 111 0.72 -1.99 -20.31
CA SER A 111 0.39 -3.13 -19.44
C SER A 111 1.65 -3.76 -18.86
N PHE A 112 1.50 -4.46 -17.73
CA PHE A 112 2.64 -5.05 -17.07
C PHE A 112 2.19 -6.31 -16.33
N LEU A 113 3.15 -7.19 -16.10
CA LEU A 113 2.97 -8.40 -15.31
C LEU A 113 4.32 -8.73 -14.72
N ARG A 114 4.39 -8.83 -13.38
CA ARG A 114 5.64 -9.17 -12.68
C ARG A 114 5.33 -10.25 -11.68
N GLY A 115 6.30 -11.15 -11.45
CA GLY A 115 6.19 -12.21 -10.46
C GLY A 115 7.46 -12.27 -9.64
N ALA A 116 7.32 -12.67 -8.36
CA ALA A 116 8.42 -12.78 -7.41
C ALA A 116 8.34 -14.10 -6.67
N LEU A 117 9.49 -14.54 -6.16
CA LEU A 117 9.64 -15.74 -5.32
C LEU A 117 10.57 -15.33 -4.20
N GLY A 118 10.16 -15.58 -2.95
CA GLY A 118 10.94 -15.18 -1.79
C GLY A 118 11.17 -13.68 -1.64
N GLY A 119 10.28 -12.86 -2.22
CA GLY A 119 10.39 -11.40 -2.18
C GLY A 119 11.39 -10.82 -3.16
N LEU A 120 11.88 -11.64 -4.09
CA LEU A 120 12.81 -11.20 -5.13
C LEU A 120 12.17 -11.38 -6.50
N ASP A 121 12.47 -10.48 -7.44
CA ASP A 121 11.95 -10.61 -8.83
C ASP A 121 12.28 -11.99 -9.38
N PHE A 122 11.34 -12.55 -10.12
CA PHE A 122 11.46 -13.89 -10.69
C PHE A 122 11.16 -13.87 -12.18
N LEU A 123 10.02 -13.26 -12.59
CA LEU A 123 9.70 -13.17 -14.02
C LEU A 123 8.86 -11.94 -14.32
N SER A 124 8.68 -11.67 -15.60
CA SER A 124 7.80 -10.63 -16.09
C SER A 124 7.31 -11.07 -17.47
N VAL A 125 6.31 -10.36 -17.99
CA VAL A 125 5.76 -10.58 -19.33
C VAL A 125 6.05 -9.27 -20.07
N LYS A 126 6.89 -9.36 -21.11
CA LYS A 126 7.31 -8.25 -21.95
C LYS A 126 6.95 -8.63 -23.39
N ASN A 127 6.04 -7.82 -24.00
CA ASN A 127 5.45 -8.02 -25.33
C ASN A 127 5.00 -9.47 -25.65
N ALA A 128 4.01 -9.96 -24.86
CA ALA A 128 3.38 -11.30 -24.94
C ALA A 128 4.23 -12.58 -24.66
N SER A 129 5.49 -12.43 -24.14
CA SER A 129 6.33 -13.59 -23.82
CA SER A 129 6.36 -13.57 -23.84
C SER A 129 6.75 -13.57 -22.35
N CYS A 130 7.11 -14.75 -21.79
CA CYS A 130 7.60 -14.93 -20.41
C CYS A 130 9.07 -14.56 -20.41
N VAL A 131 9.47 -13.56 -19.61
CA VAL A 131 10.87 -13.15 -19.52
C VAL A 131 11.40 -13.48 -18.13
N PRO A 132 12.38 -14.38 -18.00
CA PRO A 132 12.92 -14.66 -16.65
C PRO A 132 13.75 -13.49 -16.17
N SER A 133 13.67 -13.18 -14.86
CA SER A 133 14.45 -12.08 -14.31
CA SER A 133 14.44 -12.10 -14.29
C SER A 133 15.82 -12.63 -13.91
N PRO A 134 16.93 -11.86 -14.10
CA PRO A 134 18.25 -12.37 -13.68
C PRO A 134 18.29 -12.81 -12.21
N GLU A 135 17.54 -12.11 -11.30
CA GLU A 135 17.45 -12.50 -9.88
C GLU A 135 16.87 -13.90 -9.70
N GLY A 136 16.03 -14.32 -10.64
CA GLY A 136 15.39 -15.64 -10.61
C GLY A 136 16.30 -16.77 -11.06
N GLY A 137 17.42 -16.43 -11.70
CA GLY A 137 18.45 -17.37 -12.17
C GLY A 137 17.95 -18.52 -13.01
N SER A 138 18.61 -19.70 -12.93
CA SER A 138 18.21 -20.87 -13.72
C SER A 138 16.80 -21.36 -13.42
N ARG A 139 16.34 -21.25 -12.17
CA ARG A 139 14.99 -21.64 -11.76
C ARG A 139 13.93 -20.87 -12.60
N ALA A 140 14.12 -19.55 -12.80
CA ALA A 140 13.19 -18.76 -13.63
C ALA A 140 13.28 -19.13 -15.09
N GLN A 141 14.49 -19.44 -15.59
CA GLN A 141 14.61 -19.88 -16.99
C GLN A 141 13.82 -21.18 -17.24
N LYS A 142 13.95 -22.16 -16.34
CA LYS A 142 13.22 -23.43 -16.45
C LYS A 142 11.69 -23.25 -16.30
N PHE A 143 11.28 -22.36 -15.40
CA PHE A 143 9.85 -22.10 -15.19
C PHE A 143 9.21 -21.50 -16.43
N CYS A 144 9.83 -20.47 -17.05
CA CYS A 144 9.31 -19.83 -18.26
C CYS A 144 9.18 -20.83 -19.39
N ALA A 145 10.21 -21.69 -19.59
CA ALA A 145 10.22 -22.72 -20.63
C ALA A 145 9.14 -23.76 -20.40
N LEU A 146 8.82 -24.07 -19.12
CA LEU A 146 7.75 -25.01 -18.80
C LEU A 146 6.40 -24.39 -19.09
N ILE A 147 6.16 -23.15 -18.62
CA ILE A 147 4.89 -22.43 -18.76
C ILE A 147 4.44 -22.22 -20.20
N ILE A 148 5.37 -21.89 -21.09
CA ILE A 148 5.05 -21.64 -22.50
C ILE A 148 4.65 -22.91 -23.27
N GLN A 149 4.89 -24.10 -22.69
CA GLN A 149 4.57 -25.41 -23.25
C GLN A 149 3.09 -25.77 -23.03
N TYR A 150 2.42 -25.10 -22.05
CA TYR A 150 1.01 -25.37 -21.76
CA TYR A 150 1.01 -25.33 -21.71
C TYR A 150 0.10 -24.59 -22.69
N GLN A 151 -0.65 -25.33 -23.54
CA GLN A 151 -1.49 -24.67 -24.53
C GLN A 151 -2.47 -23.63 -23.98
N GLY A 152 -2.63 -22.52 -24.68
CA GLY A 152 -3.58 -21.47 -24.31
C GLY A 152 -3.16 -20.45 -23.27
N ILE A 153 -2.25 -20.82 -22.32
CA ILE A 153 -1.82 -19.91 -21.23
C ILE A 153 -1.31 -18.54 -21.67
N MET A 154 -0.28 -18.51 -22.51
CA MET A 154 0.28 -17.23 -22.97
C MET A 154 -0.71 -16.44 -23.80
N GLU A 155 -1.56 -17.13 -24.55
CA GLU A 155 -2.60 -16.48 -25.33
C GLU A 155 -3.63 -15.81 -24.42
N THR A 156 -4.02 -16.47 -23.33
CA THR A 156 -4.97 -15.92 -22.33
C THR A 156 -4.35 -14.72 -21.63
N VAL A 157 -3.07 -14.84 -21.27
CA VAL A 157 -2.32 -13.74 -20.62
C VAL A 157 -2.30 -12.53 -21.55
N ARG A 158 -1.97 -12.74 -22.85
CA ARG A 158 -1.89 -11.66 -23.81
C ARG A 158 -3.25 -10.95 -23.93
N ILE A 159 -4.35 -11.71 -24.06
CA ILE A 159 -5.68 -11.10 -24.18
C ILE A 159 -6.02 -10.30 -22.92
N LEU A 160 -5.77 -10.85 -21.74
CA LEU A 160 -6.10 -10.14 -20.48
C LEU A 160 -5.32 -8.85 -20.32
N LEU A 161 -4.00 -8.92 -20.56
CA LEU A 161 -3.13 -7.76 -20.40
C LEU A 161 -3.36 -6.67 -21.43
N TYR A 162 -3.41 -7.03 -22.72
CA TYR A 162 -3.39 -6.05 -23.79
C TYR A 162 -4.75 -5.70 -24.39
N GLU A 163 -5.76 -6.52 -24.14
CA GLU A 163 -7.09 -6.28 -24.68
C GLU A 163 -8.13 -6.01 -23.58
N THR A 164 -8.19 -6.88 -22.58
CA THR A 164 -9.18 -6.73 -21.50
C THR A 164 -8.85 -5.59 -20.55
N CYS A 165 -7.61 -5.57 -20.00
CA CYS A 165 -7.23 -4.57 -18.99
C CYS A 165 -7.47 -3.12 -19.46
N PRO A 166 -7.01 -2.73 -20.67
CA PRO A 166 -7.18 -1.32 -21.07
C PRO A 166 -8.63 -0.85 -21.11
N ARG A 167 -9.53 -1.67 -21.68
CA ARG A 167 -10.94 -1.25 -21.71
C ARG A 167 -11.54 -1.28 -20.30
N TYR A 168 -11.10 -2.23 -19.47
CA TYR A 168 -11.56 -2.25 -18.10
C TYR A 168 -11.15 -0.96 -17.38
N LEU A 169 -9.86 -0.60 -17.48
CA LEU A 169 -9.34 0.59 -16.79
C LEU A 169 -10.13 1.83 -17.19
N LEU A 170 -10.36 2.02 -18.50
CA LEU A 170 -11.07 3.23 -18.92
C LEU A 170 -12.47 3.26 -18.38
N GLY A 171 -13.15 2.12 -18.44
CA GLY A 171 -14.51 2.01 -17.95
C GLY A 171 -14.63 2.29 -16.46
N VAL A 172 -13.65 1.80 -15.68
CA VAL A 172 -13.72 1.98 -14.23
C VAL A 172 -13.27 3.38 -13.80
N LEU A 173 -12.30 3.98 -14.52
CA LEU A 173 -11.92 5.38 -14.20
C LEU A 173 -13.10 6.31 -14.44
N ASN A 174 -13.89 6.05 -15.50
CA ASN A 174 -15.10 6.87 -15.73
C ASN A 174 -16.21 6.54 -14.67
N ALA A 175 -16.48 5.24 -14.45
CA ALA A 175 -17.54 4.84 -13.50
C ALA A 175 -17.30 5.38 -12.10
N GLY A 176 -16.03 5.40 -11.67
CA GLY A 176 -15.70 5.84 -10.33
C GLY A 176 -15.31 7.29 -10.16
N LYS A 177 -15.44 8.12 -11.22
CA LYS A 177 -14.92 9.49 -11.20
C LYS A 177 -15.36 10.36 -10.03
N ALA A 178 -16.60 10.20 -9.56
CA ALA A 178 -17.08 11.06 -8.46
C ALA A 178 -16.30 10.82 -7.16
N ASP A 179 -15.76 9.59 -6.95
CA ASP A 179 -14.93 9.28 -5.78
C ASP A 179 -13.44 9.43 -6.13
N LEU A 180 -13.04 8.97 -7.32
CA LEU A 180 -11.62 9.01 -7.70
C LEU A 180 -11.07 10.40 -7.92
N GLN A 181 -11.93 11.30 -8.39
CA GLN A 181 -11.50 12.66 -8.70
C GLN A 181 -12.05 13.67 -7.67
N ARG A 182 -12.53 13.17 -6.52
CA ARG A 182 -13.03 14.06 -5.46
C ARG A 182 -11.86 14.82 -4.85
N GLN A 183 -12.16 15.96 -4.20
CA GLN A 183 -11.15 16.79 -3.56
C GLN A 183 -11.46 16.86 -2.08
N VAL A 184 -10.47 16.48 -1.26
CA VAL A 184 -10.63 16.48 0.19
C VAL A 184 -9.52 17.33 0.81
N LYS A 185 -9.92 18.35 1.58
CA LYS A 185 -8.95 19.25 2.19
C LYS A 185 -8.20 18.68 3.38
N PRO A 186 -6.87 18.88 3.43
CA PRO A 186 -6.11 18.42 4.58
C PRO A 186 -6.22 19.40 5.73
N GLU A 187 -5.87 18.95 6.92
CA GLU A 187 -5.69 19.80 8.09
C GLU A 187 -4.20 19.66 8.42
N ALA A 188 -3.65 20.64 9.15
CA ALA A 188 -2.22 20.59 9.46
C ALA A 188 -2.01 21.05 10.86
N TRP A 189 -0.92 20.59 11.45
CA TRP A 189 -0.56 21.00 12.82
C TRP A 189 0.90 20.82 13.05
N LEU A 190 1.44 21.54 14.04
CA LEU A 190 2.87 21.48 14.35
C LEU A 190 3.17 20.75 15.62
N SER A 191 4.37 20.13 15.66
CA SER A 191 4.88 19.54 16.91
C SER A 191 6.41 19.68 16.90
N SER A 192 7.05 19.43 18.03
CA SER A 192 8.51 19.54 18.10
C SER A 192 9.06 18.52 19.05
N GLY A 193 10.36 18.34 18.99
CA GLY A 193 11.09 17.41 19.84
C GLY A 193 12.58 17.62 19.72
N PRO A 194 13.36 17.00 20.62
CA PRO A 194 14.82 17.13 20.52
C PRO A 194 15.32 16.29 19.36
N SER A 195 16.42 16.71 18.71
CA SER A 195 16.99 15.97 17.60
C SER A 195 18.47 15.67 17.89
N PRO A 196 19.10 14.65 17.26
CA PRO A 196 20.51 14.33 17.58
C PRO A 196 21.47 15.53 17.56
N GLY A 197 22.26 15.67 18.63
CA GLY A 197 23.27 16.71 18.74
C GLY A 197 22.96 17.89 19.61
N PRO A 198 24.03 18.61 20.06
CA PRO A 198 23.83 19.77 20.95
C PRO A 198 23.05 20.92 20.33
N GLY A 199 22.13 21.47 21.12
CA GLY A 199 21.29 22.61 20.75
C GLY A 199 20.58 22.48 19.41
N ARG A 200 20.09 21.26 19.09
CA ARG A 200 19.33 21.00 17.85
C ARG A 200 17.88 20.67 18.20
N LEU A 201 16.94 21.18 17.39
CA LEU A 201 15.52 20.92 17.56
C LEU A 201 14.99 20.32 16.26
N GLN A 202 13.98 19.44 16.34
CA GLN A 202 13.32 18.95 15.14
C GLN A 202 11.89 19.46 15.19
N LEU A 203 11.49 20.18 14.18
CA LEU A 203 10.12 20.68 14.04
C LEU A 203 9.43 19.77 13.07
N VAL A 204 8.16 19.48 13.32
CA VAL A 204 7.37 18.59 12.50
C VAL A 204 6.11 19.29 12.07
N CYS A 205 5.84 19.28 10.77
CA CYS A 205 4.59 19.79 10.21
C CYS A 205 3.79 18.54 9.78
N HIS A 206 2.66 18.27 10.46
CA HIS A 206 1.81 17.13 10.16
C HIS A 206 0.70 17.57 9.22
N VAL A 207 0.42 16.79 8.16
CA VAL A 207 -0.62 17.15 7.18
C VAL A 207 -1.45 15.91 6.97
N SER A 208 -2.75 15.99 7.30
CA SER A 208 -3.56 14.79 7.28
C SER A 208 -4.90 14.99 6.66
N GLY A 209 -5.39 13.96 5.98
CA GLY A 209 -6.74 13.94 5.46
C GLY A 209 -6.91 14.44 4.05
N PHE A 210 -5.83 14.55 3.30
CA PHE A 210 -5.93 15.06 1.94
C PHE A 210 -6.14 13.94 0.91
N TYR A 211 -6.83 14.32 -0.16
CA TYR A 211 -7.08 13.47 -1.32
C TYR A 211 -7.38 14.42 -2.49
N PRO A 212 -6.81 14.24 -3.70
CA PRO A 212 -5.89 13.15 -4.12
C PRO A 212 -4.51 13.23 -3.47
N LYS A 213 -3.65 12.26 -3.78
CA LYS A 213 -2.35 12.10 -3.13
C LYS A 213 -1.30 13.23 -3.35
N PRO A 214 -1.16 13.83 -4.56
CA PRO A 214 -0.14 14.89 -4.74
C PRO A 214 -0.36 16.05 -3.77
N VAL A 215 0.72 16.44 -3.08
CA VAL A 215 0.66 17.52 -2.08
C VAL A 215 2.03 18.19 -2.03
N TRP A 216 2.05 19.44 -1.56
CA TRP A 216 3.31 20.17 -1.44
C TRP A 216 3.32 20.69 -0.02
N VAL A 217 4.38 20.37 0.72
CA VAL A 217 4.52 20.82 2.11
C VAL A 217 6.00 21.30 2.22
N MET A 218 6.22 22.50 2.76
CA MET A 218 7.58 22.98 2.93
CA MET A 218 7.57 23.03 2.89
C MET A 218 7.71 23.87 4.15
N TRP A 219 8.86 23.76 4.84
CA TRP A 219 9.16 24.69 5.93
C TRP A 219 9.71 25.95 5.24
N MET A 220 9.34 27.13 5.74
CA MET A 220 9.65 28.41 5.14
C MET A 220 10.12 29.41 6.16
N ARG A 221 10.89 30.42 5.69
CA ARG A 221 11.24 31.61 6.47
C ARG A 221 10.79 32.75 5.58
N GLY A 222 9.60 33.28 5.85
CA GLY A 222 8.98 34.28 4.98
C GLY A 222 8.71 33.61 3.65
N GLU A 223 9.32 34.14 2.57
CA GLU A 223 9.15 33.55 1.23
C GLU A 223 10.26 32.56 0.88
N GLN A 224 11.20 32.34 1.81
CA GLN A 224 12.33 31.44 1.58
C GLN A 224 12.04 30.00 1.95
N GLU A 225 12.04 29.12 0.95
CA GLU A 225 11.83 27.70 1.17
C GLU A 225 13.06 27.11 1.83
N GLN A 226 12.86 26.43 2.93
CA GLN A 226 13.97 25.78 3.63
C GLN A 226 14.32 24.45 2.97
N GLN A 227 15.47 24.41 2.29
CA GLN A 227 15.99 23.22 1.57
C GLN A 227 16.14 21.99 2.44
N GLY A 228 16.40 22.20 3.73
CA GLY A 228 16.57 21.17 4.73
C GLY A 228 15.29 20.40 5.04
N THR A 229 14.12 20.86 4.52
CA THR A 229 12.83 20.15 4.76
C THR A 229 12.95 18.71 4.28
N GLN A 230 12.64 17.75 5.17
CA GLN A 230 12.67 16.33 4.88
C GLN A 230 11.23 15.80 4.85
N LEU A 231 10.80 15.22 3.72
CA LEU A 231 9.46 14.65 3.59
C LEU A 231 9.51 13.21 4.04
N GLY A 232 8.56 12.83 4.90
CA GLY A 232 8.46 11.44 5.33
C GLY A 232 7.72 10.68 4.23
N ASP A 233 7.57 9.37 4.38
CA ASP A 233 6.81 8.62 3.37
C ASP A 233 5.31 8.92 3.59
N ILE A 234 4.53 8.98 2.54
CA ILE A 234 3.10 9.28 2.67
C ILE A 234 2.44 8.04 3.26
N LEU A 235 1.69 8.25 4.36
CA LEU A 235 1.06 7.15 5.10
C LEU A 235 -0.45 7.16 4.87
N PRO A 236 -1.10 5.98 4.83
CA PRO A 236 -2.55 5.98 4.61
C PRO A 236 -3.36 6.25 5.87
N ASN A 237 -4.53 6.85 5.66
CA ASN A 237 -5.55 6.91 6.69
C ASN A 237 -6.59 5.91 6.20
N ALA A 238 -7.57 5.59 7.02
CA ALA A 238 -8.66 4.75 6.54
C ALA A 238 -9.52 5.69 5.62
N ASN A 239 -10.34 5.15 4.73
CA ASN A 239 -11.22 5.99 3.91
C ASN A 239 -10.59 6.88 2.83
N TRP A 240 -9.56 6.39 2.20
CA TRP A 240 -8.98 7.02 1.01
C TRP A 240 -8.43 8.43 1.19
N THR A 241 -7.72 8.66 2.28
CA THR A 241 -7.01 9.92 2.51
C THR A 241 -5.60 9.57 3.00
N TRP A 242 -4.72 10.57 3.00
CA TRP A 242 -3.30 10.39 3.28
C TRP A 242 -2.82 11.29 4.42
N TYR A 243 -1.67 10.94 4.97
CA TYR A 243 -1.02 11.62 6.08
C TYR A 243 0.48 11.75 5.76
N LEU A 244 1.07 12.92 6.03
CA LEU A 244 2.48 13.17 5.73
C LEU A 244 3.07 14.01 6.85
N ARG A 245 4.34 13.75 7.16
CA ARG A 245 5.11 14.54 8.13
C ARG A 245 6.26 15.20 7.35
N ALA A 246 6.45 16.50 7.53
CA ALA A 246 7.58 17.22 6.89
C ALA A 246 8.37 17.77 8.08
N THR A 247 9.64 17.35 8.20
CA THR A 247 10.48 17.70 9.34
C THR A 247 11.57 18.70 8.96
N LEU A 248 12.02 19.49 9.92
CA LEU A 248 13.15 20.38 9.72
C LEU A 248 14.00 20.38 10.99
N ASP A 249 15.32 20.09 10.83
CA ASP A 249 16.29 20.11 11.93
CA ASP A 249 16.24 20.14 11.95
C ASP A 249 16.84 21.55 11.98
N VAL A 250 16.72 22.23 13.13
CA VAL A 250 17.22 23.61 13.25
C VAL A 250 17.98 23.78 14.54
N ALA A 251 18.81 24.82 14.59
CA ALA A 251 19.55 25.16 15.79
C ALA A 251 18.57 25.70 16.81
N ASP A 252 18.82 25.41 18.10
CA ASP A 252 18.01 25.97 19.17
C ASP A 252 18.20 27.48 19.12
N GLY A 253 17.13 28.21 19.31
CA GLY A 253 17.20 29.66 19.24
C GLY A 253 17.10 30.19 17.81
N GLU A 254 16.97 29.29 16.82
CA GLU A 254 16.80 29.70 15.42
C GLU A 254 15.45 29.19 14.85
N ALA A 255 14.58 28.63 15.73
CA ALA A 255 13.30 28.11 15.26
C ALA A 255 12.28 29.23 15.04
N ALA A 256 12.39 30.34 15.80
CA ALA A 256 11.46 31.45 15.62
C ALA A 256 11.64 32.05 14.23
N GLY A 257 10.52 32.36 13.60
CA GLY A 257 10.50 32.87 12.24
C GLY A 257 10.13 31.79 11.21
N LEU A 258 10.09 30.51 11.63
CA LEU A 258 9.72 29.41 10.73
C LEU A 258 8.21 29.26 10.58
N SER A 259 7.80 28.85 9.39
CA SER A 259 6.39 28.56 9.15
C SER A 259 6.33 27.32 8.28
N CYS A 260 5.20 26.63 8.29
CA CYS A 260 5.01 25.48 7.40
C CYS A 260 3.91 25.85 6.42
N ARG A 261 4.16 25.69 5.10
CA ARG A 261 3.15 26.03 4.10
C ARG A 261 2.71 24.74 3.39
N VAL A 262 1.39 24.54 3.25
CA VAL A 262 0.82 23.38 2.57
C VAL A 262 0.06 23.87 1.35
N LYS A 263 0.33 23.28 0.18
CA LYS A 263 -0.42 23.58 -1.04
C LYS A 263 -1.04 22.25 -1.49
N HIS A 264 -2.33 22.28 -1.81
CA HIS A 264 -3.04 21.09 -2.25
C HIS A 264 -4.11 21.48 -3.24
N SER A 265 -4.38 20.58 -4.20
CA SER A 265 -5.40 20.79 -5.24
C SER A 265 -6.80 21.15 -4.67
N SER A 266 -7.13 20.70 -3.44
CA SER A 266 -8.45 20.92 -2.82
C SER A 266 -8.63 22.35 -2.22
N LEU A 267 -7.53 23.05 -2.03
CA LEU A 267 -7.55 24.33 -1.31
C LEU A 267 -7.97 25.57 -2.08
N GLU A 268 -8.20 25.45 -3.42
CA GLU A 268 -8.61 26.57 -4.29
C GLU A 268 -7.69 27.80 -4.14
N GLY A 269 -6.38 27.57 -4.06
CA GLY A 269 -5.37 28.62 -3.88
C GLY A 269 -5.23 29.17 -2.47
N GLN A 270 -5.99 28.65 -1.48
CA GLN A 270 -5.85 29.12 -0.11
C GLN A 270 -4.89 28.18 0.63
N ASP A 271 -3.58 28.44 0.55
CA ASP A 271 -2.60 27.59 1.22
C ASP A 271 -2.74 27.63 2.73
N ILE A 272 -2.46 26.51 3.38
CA ILE A 272 -2.45 26.46 4.84
C ILE A 272 -1.08 27.01 5.24
N ILE A 273 -1.04 27.91 6.22
CA ILE A 273 0.25 28.45 6.67
C ILE A 273 0.22 28.37 8.18
N LEU A 274 1.14 27.62 8.76
CA LEU A 274 1.25 27.47 10.22
C LEU A 274 2.54 28.15 10.64
N TYR A 275 2.55 28.81 11.80
CA TYR A 275 3.72 29.53 12.29
C TYR A 275 4.20 28.90 13.56
N TRP A 276 5.51 28.63 13.61
CA TRP A 276 6.08 28.09 14.83
C TRP A 276 6.35 29.26 15.78
N ARG A 277 5.98 29.09 17.03
CA ARG A 277 6.28 30.11 18.03
C ARG A 277 7.18 29.55 19.11
N GLY A 278 8.08 30.39 19.61
CA GLY A 278 9.03 29.95 20.61
C GLY A 278 8.46 29.92 22.02
N SER A 279 9.33 29.57 23.00
CA SER A 279 9.01 29.56 24.43
C SER A 279 7.72 28.85 24.85
N GLY A 280 7.34 27.78 24.14
CA GLY A 280 6.13 27.04 24.46
C GLY A 280 4.83 27.73 24.11
N LEU A 281 4.89 28.68 23.14
CA LEU A 281 3.68 29.42 22.72
C LEU A 281 2.95 28.79 21.53
N ASN A 282 2.93 27.45 21.48
CA ASN A 282 2.23 26.66 20.46
C ASN A 282 1.06 25.89 21.10
N ILE B 1 17.06 -12.72 3.59
CA ILE B 1 15.82 -13.36 3.10
C ILE B 1 14.54 -12.86 3.80
N GLN B 2 14.43 -13.00 5.14
CA GLN B 2 13.22 -12.48 5.82
C GLN B 2 13.38 -11.00 6.17
N ARG B 3 12.28 -10.22 6.16
CA ARG B 3 12.36 -8.77 6.42
C ARG B 3 11.52 -8.40 7.59
N THR B 4 12.11 -7.69 8.57
N THR B 4 12.10 -7.66 8.54
CA THR B 4 11.40 -7.33 9.79
CA THR B 4 11.40 -7.30 9.79
C THR B 4 10.43 -6.15 9.58
C THR B 4 10.42 -6.15 9.56
N PRO B 5 9.21 -6.16 10.17
CA PRO B 5 8.27 -5.03 9.94
C PRO B 5 8.73 -3.70 10.55
N LYS B 6 8.38 -2.61 9.86
CA LYS B 6 8.49 -1.25 10.35
C LYS B 6 7.11 -1.00 10.92
N ILE B 7 7.02 -0.31 12.07
CA ILE B 7 5.72 -0.09 12.72
C ILE B 7 5.58 1.41 12.98
N GLN B 8 4.53 2.04 12.40
CA GLN B 8 4.28 3.50 12.56
C GLN B 8 2.91 3.71 13.16
N VAL B 9 2.82 4.40 14.30
CA VAL B 9 1.57 4.61 15.04
C VAL B 9 1.29 6.11 15.00
N TYR B 10 0.10 6.49 14.52
CA TYR B 10 -0.26 7.89 14.35
C TYR B 10 -1.78 8.06 14.44
N SER B 11 -2.22 9.25 14.82
CA SER B 11 -3.65 9.55 14.90
C SER B 11 -4.06 10.27 13.63
N ARG B 12 -5.33 10.10 13.26
CA ARG B 12 -5.90 10.73 12.07
C ARG B 12 -5.96 12.26 12.18
N HIS B 13 -6.34 12.75 13.35
CA HIS B 13 -6.47 14.16 13.68
C HIS B 13 -5.51 14.50 14.82
N PRO B 14 -5.14 15.78 15.01
CA PRO B 14 -4.28 16.12 16.15
C PRO B 14 -5.02 15.73 17.43
N ALA B 15 -4.28 15.22 18.40
CA ALA B 15 -4.85 14.74 19.65
C ALA B 15 -5.41 15.87 20.49
N GLU B 16 -6.61 15.67 21.00
CA GLU B 16 -7.28 16.59 21.91
C GLU B 16 -8.04 15.71 22.88
N ASN B 17 -7.71 15.81 24.18
CA ASN B 17 -8.34 15.01 25.24
C ASN B 17 -9.85 15.16 25.23
N GLY B 18 -10.54 14.03 25.22
CA GLY B 18 -12.00 13.96 25.20
C GLY B 18 -12.63 14.03 23.82
N LYS B 19 -11.83 14.32 22.76
CA LYS B 19 -12.37 14.41 21.40
C LYS B 19 -12.11 13.09 20.65
N SER B 20 -13.17 12.53 20.04
CA SER B 20 -13.07 11.26 19.32
C SER B 20 -12.11 11.41 18.15
N ASN B 21 -11.35 10.35 17.85
CA ASN B 21 -10.31 10.38 16.81
C ASN B 21 -10.14 8.94 16.26
N PHE B 22 -9.11 8.71 15.44
CA PHE B 22 -8.79 7.39 14.91
C PHE B 22 -7.31 7.16 15.12
N LEU B 23 -7.00 5.95 15.57
CA LEU B 23 -5.64 5.51 15.84
C LEU B 23 -5.27 4.57 14.73
N ASN B 24 -4.16 4.86 14.04
CA ASN B 24 -3.65 4.07 12.91
C ASN B 24 -2.36 3.39 13.24
N CYS B 25 -2.20 2.14 12.79
CA CYS B 25 -0.92 1.46 12.95
C CYS B 25 -0.60 0.93 11.56
N TYR B 26 0.47 1.47 10.96
CA TYR B 26 0.88 1.10 9.61
C TYR B 26 2.09 0.20 9.74
N VAL B 27 1.91 -1.07 9.32
CA VAL B 27 2.95 -2.09 9.45
C VAL B 27 3.45 -2.37 8.05
N SER B 28 4.75 -2.19 7.82
CA SER B 28 5.26 -2.27 6.44
C SER B 28 6.67 -2.84 6.36
N GLY B 29 7.10 -3.06 5.12
CA GLY B 29 8.44 -3.56 4.83
C GLY B 29 8.76 -4.98 5.27
N PHE B 30 7.74 -5.82 5.54
CA PHE B 30 7.98 -7.15 6.07
C PHE B 30 7.85 -8.25 5.03
N HIS B 31 8.47 -9.38 5.33
CA HIS B 31 8.41 -10.57 4.46
C HIS B 31 8.84 -11.75 5.32
N PRO B 32 8.14 -12.89 5.31
CA PRO B 32 6.89 -13.21 4.58
C PRO B 32 5.64 -12.51 5.13
N SER B 33 4.46 -12.77 4.52
CA SER B 33 3.23 -12.04 4.83
C SER B 33 2.55 -12.33 6.15
N ASP B 34 2.77 -13.53 6.70
CA ASP B 34 2.07 -13.89 7.94
C ASP B 34 2.46 -12.94 9.06
N ILE B 35 1.46 -12.32 9.69
CA ILE B 35 1.74 -11.35 10.76
C ILE B 35 0.52 -11.22 11.65
N GLU B 36 0.76 -10.88 12.93
CA GLU B 36 -0.32 -10.70 13.93
C GLU B 36 -0.21 -9.25 14.39
N VAL B 37 -1.30 -8.46 14.29
CA VAL B 37 -1.26 -7.06 14.73
C VAL B 37 -2.44 -6.81 15.63
N ASP B 38 -2.20 -6.18 16.77
CA ASP B 38 -3.26 -5.80 17.69
C ASP B 38 -3.06 -4.37 18.09
N LEU B 39 -4.18 -3.64 18.31
CA LEU B 39 -4.09 -2.27 18.85
C LEU B 39 -4.47 -2.40 20.31
N LEU B 40 -3.73 -1.77 21.19
CA LEU B 40 -3.97 -1.94 22.63
C LEU B 40 -4.39 -0.65 23.28
N LYS B 41 -5.29 -0.76 24.27
CA LYS B 41 -5.69 0.36 25.14
C LYS B 41 -5.29 -0.09 26.55
N ASN B 42 -4.36 0.65 27.19
CA ASN B 42 -3.87 0.30 28.55
C ASN B 42 -3.43 -1.16 28.65
N GLY B 43 -2.68 -1.62 27.64
CA GLY B 43 -2.12 -2.96 27.56
C GLY B 43 -3.06 -4.10 27.19
N GLU B 44 -4.33 -3.80 26.89
CA GLU B 44 -5.34 -4.81 26.53
C GLU B 44 -5.76 -4.70 25.07
N ARG B 45 -5.95 -5.83 24.39
CA ARG B 45 -6.35 -5.85 22.98
C ARG B 45 -7.72 -5.19 22.76
N ILE B 46 -7.79 -4.24 21.81
CA ILE B 46 -9.04 -3.59 21.43
C ILE B 46 -9.72 -4.57 20.43
N GLU B 47 -10.99 -4.92 20.67
CA GLU B 47 -11.74 -5.86 19.80
C GLU B 47 -12.27 -5.21 18.53
N LYS B 48 -12.64 -3.93 18.59
CA LYS B 48 -13.25 -3.23 17.46
C LYS B 48 -12.25 -2.62 16.43
N VAL B 49 -11.14 -3.32 16.18
CA VAL B 49 -10.09 -2.90 15.24
C VAL B 49 -10.38 -3.40 13.80
N GLU B 50 -10.21 -2.53 12.79
CA GLU B 50 -10.39 -2.91 11.39
C GLU B 50 -9.03 -2.91 10.70
N HIS B 51 -8.91 -3.58 9.55
CA HIS B 51 -7.62 -3.58 8.85
C HIS B 51 -7.76 -3.70 7.36
N SER B 52 -6.72 -3.28 6.64
CA SER B 52 -6.75 -3.35 5.18
C SER B 52 -6.50 -4.76 4.71
N ASP B 53 -6.84 -5.06 3.45
CA ASP B 53 -6.46 -6.34 2.86
C ASP B 53 -4.97 -6.22 2.52
N LEU B 54 -4.28 -7.35 2.51
CA LEU B 54 -2.86 -7.42 2.25
C LEU B 54 -2.46 -6.79 0.92
N SER B 55 -1.39 -6.02 0.93
CA SER B 55 -0.82 -5.46 -0.28
C SER B 55 0.69 -5.46 -0.13
N PHE B 56 1.38 -5.05 -1.18
CA PHE B 56 2.85 -5.02 -1.11
C PHE B 56 3.35 -3.89 -1.99
N SER B 57 4.57 -3.43 -1.68
CA SER B 57 5.24 -2.34 -2.38
CA SER B 57 5.22 -2.34 -2.39
C SER B 57 5.99 -2.88 -3.59
N LYS B 58 6.58 -1.96 -4.41
CA LYS B 58 7.32 -2.36 -5.60
C LYS B 58 8.45 -3.35 -5.30
N ASP B 59 9.07 -3.23 -4.12
CA ASP B 59 10.17 -4.14 -3.74
C ASP B 59 9.69 -5.44 -3.13
N TRP B 60 8.37 -5.70 -3.21
CA TRP B 60 7.71 -6.92 -2.73
C TRP B 60 7.46 -7.02 -1.23
N SER B 61 7.84 -5.97 -0.49
CA SER B 61 7.59 -5.96 0.96
C SER B 61 6.12 -5.75 1.22
N PHE B 62 5.58 -6.51 2.18
CA PHE B 62 4.15 -6.38 2.49
C PHE B 62 3.87 -5.20 3.40
N TYR B 63 2.61 -4.76 3.36
CA TYR B 63 2.14 -3.70 4.23
C TYR B 63 0.66 -3.83 4.55
N LEU B 64 0.29 -3.37 5.74
CA LEU B 64 -1.09 -3.41 6.23
C LEU B 64 -1.35 -2.19 7.07
N LEU B 65 -2.61 -1.72 7.07
CA LEU B 65 -3.01 -0.63 7.95
C LEU B 65 -4.06 -1.21 8.91
N TYR B 66 -3.86 -1.04 10.23
CA TYR B 66 -4.84 -1.43 11.27
C TYR B 66 -5.30 -0.11 11.89
N TYR B 67 -6.60 0.02 12.19
CA TYR B 67 -7.12 1.27 12.72
C TYR B 67 -8.31 1.04 13.61
N THR B 68 -8.56 2.00 14.50
CA THR B 68 -9.73 1.97 15.39
C THR B 68 -10.08 3.36 15.83
N GLU B 69 -11.38 3.57 16.18
CA GLU B 69 -11.83 4.83 16.74
CA GLU B 69 -11.85 4.83 16.73
C GLU B 69 -11.30 4.84 18.17
N PHE B 70 -10.86 5.99 18.66
CA PHE B 70 -10.36 6.13 20.04
C PHE B 70 -10.61 7.54 20.51
N THR B 71 -10.77 7.71 21.83
CA THR B 71 -10.98 9.03 22.42
C THR B 71 -9.80 9.19 23.35
N PRO B 72 -8.72 9.88 22.94
CA PRO B 72 -7.57 10.03 23.85
C PRO B 72 -7.91 10.82 25.11
N THR B 73 -7.17 10.52 26.19
CA THR B 73 -7.29 11.20 27.50
C THR B 73 -5.87 11.48 27.99
N GLU B 74 -5.75 12.14 29.15
CA GLU B 74 -4.45 12.46 29.75
C GLU B 74 -3.75 11.19 30.27
N LYS B 75 -4.52 10.23 30.82
CA LYS B 75 -4.00 9.00 31.43
C LYS B 75 -3.88 7.77 30.52
N ASP B 76 -4.88 7.53 29.64
CA ASP B 76 -4.92 6.33 28.78
C ASP B 76 -3.71 6.17 27.86
N GLU B 77 -3.22 4.96 27.76
CA GLU B 77 -2.06 4.60 26.95
C GLU B 77 -2.49 3.73 25.78
N TYR B 78 -2.06 4.09 24.57
CA TYR B 78 -2.44 3.31 23.38
C TYR B 78 -1.20 2.80 22.70
N ALA B 79 -1.30 1.64 22.08
CA ALA B 79 -0.10 1.08 21.43
C ALA B 79 -0.49 0.10 20.32
N CYS B 80 0.51 -0.29 19.54
CA CYS B 80 0.39 -1.26 18.47
C CYS B 80 1.32 -2.39 18.81
N ARG B 81 0.80 -3.62 18.81
CA ARG B 81 1.57 -4.83 19.14
C ARG B 81 1.65 -5.73 17.93
N VAL B 82 2.87 -6.03 17.52
CA VAL B 82 3.06 -6.81 16.30
C VAL B 82 3.86 -8.09 16.55
N ASN B 83 3.44 -9.20 15.94
CA ASN B 83 4.27 -10.42 16.01
C ASN B 83 4.51 -10.90 14.61
N HIS B 84 5.72 -11.34 14.35
CA HIS B 84 6.13 -11.81 13.02
C HIS B 84 7.25 -12.83 13.24
N VAL B 85 7.53 -13.67 12.24
CA VAL B 85 8.62 -14.67 12.34
C VAL B 85 9.99 -14.05 12.66
N THR B 86 10.22 -12.82 12.19
CA THR B 86 11.50 -12.14 12.43
C THR B 86 11.67 -11.58 13.83
N LEU B 87 10.56 -11.52 14.60
CA LEU B 87 10.59 -10.96 15.95
C LEU B 87 10.63 -12.07 17.00
N SER B 88 11.52 -11.93 18.02
CA SER B 88 11.66 -12.95 19.08
C SER B 88 10.38 -13.06 19.85
N GLN B 89 9.77 -11.89 20.15
CA GLN B 89 8.53 -11.77 20.91
C GLN B 89 7.68 -10.63 20.31
N PRO B 90 6.40 -10.46 20.72
CA PRO B 90 5.61 -9.32 20.21
C PRO B 90 6.29 -7.98 20.48
N LYS B 91 6.38 -7.13 19.45
CA LYS B 91 6.99 -5.80 19.56
C LYS B 91 5.89 -4.79 19.82
N ILE B 92 6.03 -3.99 20.87
CA ILE B 92 5.01 -2.98 21.22
C ILE B 92 5.53 -1.58 20.88
N VAL B 93 4.78 -0.83 20.05
CA VAL B 93 5.14 0.53 19.70
C VAL B 93 4.05 1.44 20.28
N LYS B 94 4.44 2.32 21.17
CA LYS B 94 3.49 3.19 21.82
C LYS B 94 3.09 4.36 20.96
N TRP B 95 1.81 4.77 21.05
CA TRP B 95 1.36 6.00 20.43
C TRP B 95 1.87 7.15 21.32
N ASP B 96 2.51 8.15 20.69
CA ASP B 96 3.03 9.36 21.32
C ASP B 96 2.53 10.55 20.51
N ARG B 97 1.59 11.36 21.06
CA ARG B 97 1.06 12.55 20.38
C ARG B 97 2.13 13.64 20.28
C1 NAG C . -15.85 0.13 -21.87
C2 NAG C . -16.40 -0.58 -23.13
C3 NAG C . -15.31 -0.75 -24.20
C4 NAG C . -14.64 0.59 -24.43
C5 NAG C . -14.12 1.21 -23.13
C6 NAG C . -13.57 2.60 -23.37
C7 NAG C . -16.36 -2.95 -22.37
C8 NAG C . -17.23 -4.12 -22.02
N2 NAG C . -17.02 -1.85 -22.78
O3 NAG C . -15.92 -1.23 -25.43
O4 NAG C . -13.57 0.38 -25.34
O5 NAG C . -15.20 1.36 -22.19
O6 NAG C . -14.68 3.38 -23.86
O7 NAG C . -15.15 -3.07 -22.33
C1 NAG C . -13.47 1.26 -26.42
C2 NAG C . -12.11 1.02 -27.12
C3 NAG C . -12.06 1.91 -28.38
C4 NAG C . -13.34 1.75 -29.22
C5 NAG C . -14.60 2.05 -28.38
C6 NAG C . -15.98 1.95 -29.05
C7 NAG C . -10.13 0.39 -25.84
C8 NAG C . -8.94 0.91 -25.06
N2 NAG C . -11.00 1.32 -26.23
O3 NAG C . -10.90 1.51 -29.15
O4 NAG C . -13.31 2.59 -30.39
O5 NAG C . -14.58 1.08 -27.33
O6 NAG C . -16.09 0.65 -29.62
O7 NAG C . -10.23 -0.82 -26.10
C1 BMA C . -13.05 1.94 -31.60
C2 BMA C . -13.75 2.67 -32.75
C3 BMA C . -13.40 1.97 -34.06
C4 BMA C . -11.88 1.92 -34.29
C5 BMA C . -11.20 1.29 -33.07
C6 BMA C . -9.71 1.54 -33.19
O2 BMA C . -13.26 4.01 -32.79
O3 BMA C . -14.02 2.69 -35.15
O4 BMA C . -11.57 1.21 -35.51
O5 BMA C . -11.64 1.92 -31.85
O6 BMA C . -9.07 0.86 -32.10
C1 MAN C . -15.23 2.15 -35.65
C2 MAN C . -15.45 2.69 -37.06
C3 MAN C . -15.69 4.21 -37.00
C4 MAN C . -16.82 4.55 -36.03
C5 MAN C . -16.57 3.92 -34.66
C6 MAN C . -17.74 4.06 -33.72
O2 MAN C . -16.57 2.03 -37.62
O3 MAN C . -16.01 4.69 -38.30
O4 MAN C . -16.89 5.96 -35.90
O5 MAN C . -16.32 2.51 -34.80
O6 MAN C . -17.42 3.63 -32.41
C1 MAN C . -7.73 0.54 -32.36
C2 MAN C . -7.21 -0.29 -31.18
C3 MAN C . -7.13 0.59 -29.94
C4 MAN C . -6.27 1.83 -30.21
C5 MAN C . -6.81 2.59 -31.40
C6 MAN C . -5.93 3.75 -31.82
O2 MAN C . -5.92 -0.77 -31.54
O3 MAN C . -6.57 -0.14 -28.85
O4 MAN C . -6.28 2.70 -29.08
O5 MAN C . -6.91 1.70 -32.54
O6 MAN C . -6.48 4.52 -32.88
C1 FUC C . -15.84 -2.61 -25.76
C2 FUC C . -16.87 -2.89 -26.87
C3 FUC C . -16.41 -2.32 -28.21
C4 FUC C . -14.96 -2.71 -28.58
C5 FUC C . -14.03 -2.43 -27.39
C6 FUC C . -12.58 -2.86 -27.61
O2 FUC C . -18.13 -2.29 -26.52
O3 FUC C . -17.33 -2.75 -29.23
O4 FUC C . -14.97 -4.13 -28.86
O5 FUC C . -14.52 -3.02 -26.19
C1 FUC C . -14.42 4.71 -24.15
C2 FUC C . -15.71 5.33 -24.70
C3 FUC C . -16.77 5.50 -23.59
C4 FUC C . -16.22 6.21 -22.33
C5 FUC C . -14.93 5.50 -21.87
C6 FUC C . -14.22 6.14 -20.67
O2 FUC C . -16.21 4.54 -25.79
O3 FUC C . -17.93 6.17 -24.12
O4 FUC C . -15.91 7.58 -22.63
O5 FUC C . -14.00 5.42 -22.97
CBC 6UL D . -12.00 -9.94 -10.61
CBD 6UL D . -11.57 -8.97 -9.50
CBE 6UL D . -10.05 -9.05 -9.27
CBF 6UL D . -9.73 -9.78 -7.95
CBG 6UL D . -9.17 -11.16 -8.32
CBH 6UL D . -7.76 -11.36 -7.77
CBI 6UL D . -6.85 -11.77 -8.93
CBJ 6UL D . -5.80 -12.80 -8.50
CBK 6UL D . -4.90 -13.20 -9.70
CBL 6UL D . -3.70 -12.25 -9.82
CBM 6UL D . -2.81 -12.63 -11.00
CAW 6UL D . -1.46 -11.89 -10.90
CAV 6UL D . -0.66 -12.18 -12.18
CAU 6UL D . 0.82 -12.38 -11.85
CAT 6UL D . 1.27 -13.80 -12.17
CAS 6UL D . 2.31 -14.20 -11.14
CAR 6UL D . 3.48 -14.96 -11.77
OAQ 6UL D . 3.94 -15.89 -10.79
CAP 6UL D . 5.26 -16.21 -10.80
OBO 6UL D . 6.19 -15.42 -10.87
CAO 6UL D . 5.54 -17.69 -10.63
CAN 6UL D . 6.72 -17.89 -9.67
CAM 6UL D . 7.20 -19.33 -9.83
CAL 6UL D . 8.26 -19.66 -8.79
CAK 6UL D . 8.79 -21.09 -9.04
CAJ 6UL D . 7.84 -22.13 -8.41
C1 NAG E . 1.12 -29.73 5.60
C2 NAG E . 1.03 -31.09 6.29
C3 NAG E . -0.44 -31.24 6.68
C4 NAG E . -0.97 -30.09 7.55
C5 NAG E . -0.78 -28.79 6.77
C6 NAG E . -1.35 -27.55 7.48
C7 NAG E . 2.58 -32.65 5.14
C8 NAG E . 2.96 -32.80 3.69
N2 NAG E . 1.36 -32.14 5.34
O3 NAG E . -0.78 -32.53 7.20
O4 NAG E . -2.36 -30.30 7.83
O5 NAG E . 0.60 -28.65 6.42
O6 NAG E . -0.43 -27.03 8.44
O7 NAG E . 3.32 -33.01 6.05
C ACT F . 14.02 -17.98 -3.12
O ACT F . 13.74 -18.07 -1.90
OXT ACT F . 14.44 -16.94 -3.69
C ACT G . -0.46 -27.78 11.51
O ACT G . -0.21 -28.86 10.94
OXT ACT G . -0.19 -26.63 11.06
CL CL H . 8.24 34.27 16.03
CL CL I . -4.33 10.03 -6.10
CAN 70E J . -5.73 -22.44 -18.13
CAP 70E J . -5.03 -21.46 -17.13
CAQ 70E J . -5.23 -21.93 -15.68
CAR 70E J . -4.39 -23.17 -15.36
CAS 70E J . -3.16 -22.77 -14.55
CAT 70E J . -1.96 -23.57 -15.05
CAU 70E J . -0.76 -23.38 -14.11
CAV 70E J . 0.24 -22.40 -14.70
CAW 70E J . 0.17 -21.08 -13.91
CAX 70E J . 1.35 -20.20 -14.25
CAY 70E J . 0.86 -18.98 -15.02
CAZ 70E J . 1.90 -17.87 -14.90
CBA 70E J . 1.29 -16.53 -15.36
CBB 70E J . 1.79 -16.20 -16.77
CBC 70E J . 3.03 -15.32 -16.69
CBD 70E J . 4.15 -15.99 -17.50
CBE 70E J . -5.48 -19.99 -17.29
CBG 70E J . -4.26 -19.06 -17.21
CBH 70E J . -4.72 -17.60 -17.06
CBI 70E J . -3.59 -16.74 -16.52
CBJ 70E J . -4.19 -15.50 -15.83
CBK 70E J . -3.08 -14.70 -15.16
CBL 70E J . -3.68 -13.41 -14.59
CBM 70E J . -3.26 -12.20 -15.44
CBN 70E J . -4.13 -11.00 -15.07
CBO 70E J . -3.98 -9.92 -16.12
CBP 70E J . -4.40 -8.56 -15.54
CBQ 70E J . -5.52 -7.94 -16.36
CBR 70E J . -6.87 -8.15 -15.68
CBS 70E J . -8.00 -7.76 -16.63
CBT 70E J . -8.83 -6.65 -15.99
CBU 70E J . -10.23 -7.16 -15.64
CBV 70E J . -10.49 -6.96 -14.15
CBW 70E J . -11.80 -7.66 -13.76
CBX 70E J . -12.51 -6.89 -12.63
CBY 70E J . -13.99 -6.67 -12.98
OAM 70E J . -5.04 -23.15 -18.88
OAO 70E J . -7.10 -22.45 -18.10
CAG 70E J . -7.80 -23.34 -19.00
OBF 70E J . -6.16 -19.79 -18.55
C1 70E J . -10.42 -23.10 -21.32
O1 70E J . -11.72 -22.52 -21.52
C2 70E J . -9.76 -23.38 -22.68
O2 70E J . -10.61 -24.25 -23.45
C3 70E J . -8.40 -24.06 -22.44
O3 70E J . -7.80 -24.40 -23.69
C4 70E J . -7.45 -23.19 -21.58
O4 70E J . -6.27 -23.96 -21.26
C5 70E J . -8.15 -22.60 -20.30
O5 70E J . -9.58 -22.23 -20.49
NA NA K . 12.98 -8.91 18.47
#